data_3N91
#
_entry.id   3N91
#
_cell.length_a   138.074
_cell.length_b   138.074
_cell.length_c   47.632
_cell.angle_alpha   90.000
_cell.angle_beta   90.000
_cell.angle_gamma   120.000
#
_symmetry.space_group_name_H-M   'P 64'
#
loop_
_entity.id
_entity.type
_entity.pdbx_description
1 polymer 'uncharacterized protein'
2 non-polymer 'CALCIUM ION'
3 non-polymer 'NONAETHYLENE GLYCOL'
4 water water
#
_entity_poly.entity_id   1
_entity_poly.type   'polypeptide(L)'
_entity_poly.pdbx_seq_one_letter_code
;GSDNEFPDFDYQTVYFANQYGLRTIELGESEFVDNTLDNQHK(MSE)VIKAAWGGGYTNRNNVVINFKVDESLCDNLYFK
DTDQPLVP(MSE)PASYYTLASDRIAIPKGQI(MSE)AGVEVQLTDDFFADEKSISENYVIPLL(MSE)TNVQGADSILQ
GKPVVENPVLTNAGDWSILPQNFVLYAVKYVNPWHGEYLRRGIDHATVAGTSKDIIRHEQFVENDEVVNISTKS(MSE)K
DNLLTLKTKDESGKDISYTVRLSFAEDGSCTVHSGSQNVVVSGSGKFVSKGEKNSLGGKDRNAIYLDYTVNLTDNNIQLA
TKDTLVLRTRNVYGGKSLEVVRK
;
_entity_poly.pdbx_strand_id   A
#
loop_
_chem_comp.id
_chem_comp.type
_chem_comp.name
_chem_comp.formula
2PE non-polymer 'NONAETHYLENE GLYCOL' 'C18 H38 O10'
CA non-polymer 'CALCIUM ION' 'Ca 2'
#
# COMPACT_ATOMS: atom_id res chain seq x y z
N PHE A 9 -8.02 30.03 -32.89
CA PHE A 9 -9.32 29.80 -32.16
C PHE A 9 -9.23 28.67 -31.12
N ASP A 10 -8.01 28.15 -30.92
CA ASP A 10 -7.75 27.03 -30.02
C ASP A 10 -7.88 27.39 -28.52
N TYR A 11 -8.38 26.42 -27.77
CA TYR A 11 -8.76 26.60 -26.38
C TYR A 11 -8.04 25.59 -25.46
N GLN A 12 -6.83 25.94 -25.06
CA GLN A 12 -6.01 25.06 -24.23
C GLN A 12 -6.61 24.88 -22.82
N THR A 13 -6.45 23.70 -22.28
CA THR A 13 -6.95 23.43 -20.95
CA THR A 13 -7.00 23.36 -20.98
C THR A 13 -6.03 22.49 -20.16
N VAL A 14 -6.04 22.64 -18.83
CA VAL A 14 -5.26 21.75 -17.93
C VAL A 14 -6.20 21.00 -16.94
N TYR A 15 -5.80 19.82 -16.51
CA TYR A 15 -6.64 19.02 -15.65
C TYR A 15 -5.82 17.91 -15.00
N PHE A 16 -6.47 17.23 -14.05
CA PHE A 16 -5.98 16.01 -13.40
C PHE A 16 -6.76 14.89 -14.08
N ALA A 17 -6.06 13.91 -14.65
CA ALA A 17 -6.71 12.86 -15.45
C ALA A 17 -7.62 11.92 -14.61
N ASN A 18 -7.28 11.80 -13.34
CA ASN A 18 -8.02 10.96 -12.39
C ASN A 18 -8.33 11.70 -11.09
N GLN A 19 -9.59 11.63 -10.66
CA GLN A 19 -10.04 12.33 -9.44
C GLN A 19 -9.84 11.57 -8.11
N TYR A 20 -9.84 10.25 -8.15
CA TYR A 20 -9.68 9.48 -6.94
C TYR A 20 -8.61 8.40 -7.15
N GLY A 21 -7.55 8.45 -6.35
CA GLY A 21 -6.41 7.56 -6.50
C GLY A 21 -5.96 6.94 -5.19
N LEU A 22 -5.28 5.80 -5.30
CA LEU A 22 -4.79 5.02 -4.18
C LEU A 22 -3.37 4.69 -4.49
N ARG A 23 -2.49 5.21 -3.68
CA ARG A 23 -1.07 4.99 -3.84
C ARG A 23 -0.59 4.14 -2.68
N THR A 24 -0.02 2.98 -2.98
CA THR A 24 0.59 2.16 -1.95
C THR A 24 2.10 2.32 -2.08
N ILE A 25 2.74 2.96 -1.10
CA ILE A 25 4.19 3.10 -1.14
C ILE A 25 4.83 1.73 -0.91
N GLU A 26 5.58 1.22 -1.90
CA GLU A 26 6.20 -0.10 -1.85
C GLU A 26 7.66 -0.04 -1.44
N LEU A 27 7.93 -0.14 -0.15
CA LEU A 27 9.29 -0.11 0.35
C LEU A 27 10.07 -1.42 0.09
N GLY A 28 11.38 -1.32 0.00
CA GLY A 28 12.22 -2.49 -0.19
C GLY A 28 12.43 -2.81 -1.65
N GLU A 29 12.41 -4.11 -1.97
CA GLU A 29 12.74 -4.60 -3.30
C GLU A 29 11.48 -5.08 -4.08
N SER A 30 11.29 -4.55 -5.29
CA SER A 30 10.20 -4.98 -6.18
C SER A 30 10.81 -5.50 -7.45
N GLU A 31 10.34 -6.64 -7.95
CA GLU A 31 10.90 -7.23 -9.21
C GLU A 31 10.35 -6.54 -10.49
N PHE A 32 9.02 -6.46 -10.61
CA PHE A 32 8.32 -5.98 -11.81
C PHE A 32 8.19 -4.43 -12.00
N VAL A 33 8.66 -3.60 -11.05
CA VAL A 33 8.51 -2.12 -11.21
C VAL A 33 9.59 -1.28 -10.50
N ASP A 34 9.84 -0.09 -10.99
CA ASP A 34 10.84 0.79 -10.42
C ASP A 34 10.26 1.59 -9.26
N ASN A 35 10.69 1.27 -8.05
CA ASN A 35 10.21 1.92 -6.83
C ASN A 35 11.29 2.73 -6.14
N THR A 36 12.13 3.41 -6.92
CA THR A 36 13.13 4.30 -6.37
C THR A 36 12.47 5.39 -5.58
N LEU A 37 11.42 6.00 -6.14
CA LEU A 37 10.71 7.07 -5.41
C LEU A 37 10.18 6.60 -4.06
N ASP A 38 9.53 5.44 -4.06
CA ASP A 38 8.98 4.82 -2.86
C ASP A 38 10.07 4.68 -1.80
N ASN A 39 11.23 4.17 -2.17
CA ASN A 39 12.30 4.00 -1.18
C ASN A 39 12.88 5.32 -0.65
N GLN A 40 12.62 6.41 -1.33
CA GLN A 40 12.96 7.74 -0.82
C GLN A 40 11.76 8.37 -0.08
N HIS A 41 10.71 7.58 0.11
CA HIS A 41 9.48 8.03 0.78
C HIS A 41 8.74 9.12 0.01
N LYS A 42 8.87 9.08 -1.33
CA LYS A 42 8.26 10.08 -2.22
C LYS A 42 7.22 9.51 -3.18
N MSE A 43 6.38 10.41 -3.68
CA MSE A 43 5.39 10.12 -4.72
C MSE A 43 5.23 11.35 -5.61
O MSE A 43 5.61 12.45 -5.24
CB MSE A 43 4.05 9.68 -4.10
CG MSE A 43 3.38 10.69 -3.25
SE MSE A 43 1.71 10.07 -2.42
CE MSE A 43 0.57 10.39 -3.96
N VAL A 44 4.72 11.17 -6.82
CA VAL A 44 4.51 12.29 -7.73
C VAL A 44 3.03 12.39 -8.12
N ILE A 45 2.48 13.60 -8.11
CA ILE A 45 1.09 13.82 -8.49
C ILE A 45 1.17 14.57 -9.82
N LYS A 46 0.48 14.08 -10.84
CA LYS A 46 0.63 14.56 -12.21
C LYS A 46 -0.59 15.32 -12.75
N ALA A 47 -0.35 16.33 -13.57
CA ALA A 47 -1.41 17.08 -14.24
C ALA A 47 -1.13 16.98 -15.74
N ALA A 48 -2.15 17.21 -16.56
CA ALA A 48 -2.07 17.11 -18.00
C ALA A 48 -2.59 18.37 -18.67
N TRP A 49 -2.14 18.56 -19.90
CA TRP A 49 -2.55 19.66 -20.75
C TRP A 49 -3.32 19.12 -21.95
N GLY A 50 -4.33 19.85 -22.41
CA GLY A 50 -5.15 19.39 -23.55
C GLY A 50 -5.92 20.49 -24.26
N GLY A 51 -6.84 20.10 -25.13
CA GLY A 51 -7.68 21.05 -25.90
C GLY A 51 -6.96 21.65 -27.12
N GLY A 52 -5.69 21.27 -27.29
CA GLY A 52 -4.84 21.72 -28.39
C GLY A 52 -3.92 20.56 -28.68
N TYR A 53 -2.90 20.80 -29.51
CA TYR A 53 -1.98 19.72 -29.85
C TYR A 53 -0.53 20.05 -29.54
N THR A 54 -0.10 21.29 -29.81
CA THR A 54 1.22 21.74 -29.37
C THR A 54 1.09 22.79 -28.28
N ASN A 55 1.74 22.58 -27.14
CA ASN A 55 1.75 23.57 -26.07
C ASN A 55 2.85 24.56 -26.39
N ARG A 56 2.46 25.78 -26.73
CA ARG A 56 3.40 26.85 -27.10
C ARG A 56 3.92 27.72 -25.94
N ASN A 57 3.32 27.60 -24.75
CA ASN A 57 3.68 28.42 -23.60
C ASN A 57 4.26 27.61 -22.49
N ASN A 58 4.97 28.29 -21.60
CA ASN A 58 5.39 27.69 -20.34
C ASN A 58 4.16 27.82 -19.43
N VAL A 59 3.54 26.68 -19.07
CA VAL A 59 2.28 26.68 -18.36
C VAL A 59 2.53 26.45 -16.89
N VAL A 60 1.86 27.24 -16.04
CA VAL A 60 1.95 27.13 -14.59
C VAL A 60 0.55 26.92 -13.98
N ILE A 61 0.37 25.77 -13.34
CA ILE A 61 -0.94 25.45 -12.75
C ILE A 61 -0.80 25.62 -11.24
N ASN A 62 -1.45 26.63 -10.68
CA ASN A 62 -1.42 26.82 -9.25
C ASN A 62 -2.54 25.96 -8.63
N PHE A 63 -2.27 25.43 -7.44
CA PHE A 63 -3.23 24.64 -6.68
C PHE A 63 -3.01 24.88 -5.18
N LYS A 64 -3.99 24.44 -4.40
CA LYS A 64 -3.97 24.50 -2.97
C LYS A 64 -4.50 23.19 -2.39
N VAL A 65 -4.15 22.94 -1.14
CA VAL A 65 -4.69 21.81 -0.40
C VAL A 65 -6.12 22.21 -0.01
N ASP A 66 -7.11 21.35 -0.24
CA ASP A 66 -8.48 21.70 0.14
C ASP A 66 -9.16 20.54 0.89
N GLU A 67 -9.01 20.57 2.21
CA GLU A 67 -9.49 19.47 3.05
C GLU A 67 -10.97 19.21 2.92
N SER A 68 -11.78 20.21 2.56
CA SER A 68 -13.24 19.98 2.42
C SER A 68 -13.61 19.02 1.28
N LEU A 69 -12.67 18.72 0.38
CA LEU A 69 -12.91 17.77 -0.72
C LEU A 69 -13.28 16.39 -0.17
N CYS A 70 -12.76 16.08 1.02
CA CYS A 70 -13.08 14.80 1.68
C CYS A 70 -14.48 14.69 2.27
N ASP A 71 -15.22 15.80 2.35
CA ASP A 71 -16.52 15.81 3.01
C ASP A 71 -17.47 14.74 2.47
N ASN A 72 -18.04 13.95 3.37
CA ASN A 72 -19.12 12.99 3.06
C ASN A 72 -18.70 11.79 2.21
N LEU A 73 -17.40 11.57 2.10
CA LEU A 73 -16.83 10.50 1.28
C LEU A 73 -16.27 9.42 2.15
N TYR A 74 -16.44 8.18 1.71
CA TYR A 74 -15.99 7.00 2.45
C TYR A 74 -15.42 6.00 1.48
N PHE A 75 -14.44 5.23 1.96
CA PHE A 75 -13.85 4.21 1.13
C PHE A 75 -14.89 3.11 0.91
N LYS A 76 -15.10 2.70 -0.33
CA LYS A 76 -16.06 1.61 -0.60
C LYS A 76 -15.65 0.32 0.10
N ASP A 77 -14.33 0.07 0.13
CA ASP A 77 -13.77 -1.14 0.70
C ASP A 77 -14.07 -1.27 2.18
N THR A 78 -13.76 -0.23 2.93
CA THR A 78 -13.83 -0.29 4.38
C THR A 78 -15.03 0.41 4.99
N ASP A 79 -15.77 1.19 4.21
CA ASP A 79 -16.85 2.01 4.79
C ASP A 79 -16.46 3.09 5.83
N GLN A 80 -15.15 3.33 5.99
CA GLN A 80 -14.65 4.39 6.87
C GLN A 80 -14.44 5.71 6.09
N PRO A 81 -14.41 6.86 6.80
CA PRO A 81 -14.32 8.11 6.07
C PRO A 81 -12.93 8.44 5.54
N LEU A 82 -12.88 9.16 4.42
CA LEU A 82 -11.61 9.68 3.89
C LEU A 82 -11.14 10.77 4.87
N VAL A 83 -9.91 10.67 5.35
CA VAL A 83 -9.40 11.59 6.33
C VAL A 83 -8.30 12.46 5.71
N PRO A 84 -8.48 13.79 5.73
CA PRO A 84 -7.43 14.68 5.25
C PRO A 84 -6.07 14.35 5.92
N MSE A 85 -5.03 14.18 5.13
CA MSE A 85 -3.77 13.84 5.70
C MSE A 85 -3.22 15.00 6.50
O MSE A 85 -3.23 16.13 6.01
CB MSE A 85 -2.76 13.44 4.63
CG MSE A 85 -1.59 12.72 5.25
SE MSE A 85 -0.33 12.23 3.98
CE MSE A 85 -1.40 10.90 3.04
N PRO A 86 -2.80 14.75 7.75
CA PRO A 86 -2.29 15.85 8.56
C PRO A 86 -1.10 16.56 7.89
N ALA A 87 -1.09 17.88 7.95
CA ALA A 87 -0.02 18.69 7.32
C ALA A 87 1.39 18.23 7.63
N SER A 88 1.61 17.74 8.84
CA SER A 88 2.96 17.34 9.25
C SER A 88 3.40 16.00 8.70
N TYR A 89 2.47 15.26 8.10
CA TYR A 89 2.76 13.96 7.48
C TYR A 89 3.29 14.04 6.04
N TYR A 90 3.26 15.22 5.43
CA TYR A 90 3.70 15.32 4.03
C TYR A 90 4.11 16.69 3.66
N THR A 91 5.01 16.78 2.70
CA THR A 91 5.50 18.09 2.23
C THR A 91 5.43 18.15 0.71
N LEU A 92 4.66 19.10 0.19
CA LEU A 92 4.61 19.34 -1.26
C LEU A 92 5.89 20.12 -1.68
N ALA A 93 6.48 19.78 -2.82
CA ALA A 93 7.70 20.43 -3.27
C ALA A 93 7.44 21.87 -3.75
N SER A 94 6.20 22.14 -4.13
CA SER A 94 5.77 23.43 -4.60
C SER A 94 4.24 23.55 -4.48
N ASP A 95 3.73 24.78 -4.66
CA ASP A 95 2.30 25.07 -4.76
C ASP A 95 1.81 25.23 -6.24
N ARG A 96 2.56 24.68 -7.18
CA ARG A 96 2.24 24.77 -8.58
CA ARG A 96 2.26 24.79 -8.59
C ARG A 96 2.82 23.59 -9.35
N ILE A 97 2.20 23.25 -10.47
CA ILE A 97 2.73 22.25 -11.40
C ILE A 97 3.12 23.00 -12.69
N ALA A 98 4.36 22.86 -13.15
CA ALA A 98 4.81 23.58 -14.37
C ALA A 98 4.98 22.63 -15.54
N ILE A 99 4.25 22.92 -16.63
CA ILE A 99 4.28 22.15 -17.88
C ILE A 99 4.97 23.01 -18.93
N PRO A 100 6.27 22.80 -19.11
CA PRO A 100 7.05 23.63 -20.03
C PRO A 100 6.61 23.59 -21.49
N LYS A 101 6.96 24.65 -22.20
CA LYS A 101 6.74 24.77 -23.64
C LYS A 101 7.25 23.48 -24.29
N GLY A 102 6.38 22.88 -25.12
CA GLY A 102 6.65 21.61 -25.80
C GLY A 102 6.36 20.34 -25.02
N GLN A 103 5.96 20.47 -23.74
CA GLN A 103 5.60 19.34 -22.92
C GLN A 103 4.08 19.27 -22.84
N ILE A 104 3.54 18.11 -22.45
CA ILE A 104 2.08 17.94 -22.32
C ILE A 104 1.60 17.44 -20.94
N MSE A 105 2.57 17.12 -20.08
CA MSE A 105 2.34 16.66 -18.72
C MSE A 105 3.53 16.99 -17.83
O MSE A 105 4.67 17.16 -18.30
CB MSE A 105 2.10 15.15 -18.63
CG MSE A 105 0.74 14.66 -19.22
SE MSE A 105 0.46 12.70 -18.99
CE MSE A 105 0.81 12.14 -20.81
N ALA A 106 3.25 17.09 -16.55
CA ALA A 106 4.30 17.33 -15.54
C ALA A 106 3.73 16.92 -14.19
N GLY A 107 4.58 16.86 -13.18
CA GLY A 107 4.11 16.53 -11.83
C GLY A 107 4.74 17.36 -10.72
N VAL A 108 4.16 17.24 -9.52
CA VAL A 108 4.73 17.85 -8.33
C VAL A 108 5.12 16.72 -7.40
N GLU A 109 6.25 16.86 -6.72
CA GLU A 109 6.78 15.85 -5.84
C GLU A 109 6.19 16.02 -4.44
N VAL A 110 5.89 14.89 -3.80
CA VAL A 110 5.43 14.87 -2.41
C VAL A 110 6.42 14.05 -1.61
N GLN A 111 6.99 14.63 -0.56
CA GLN A 111 7.84 13.93 0.38
C GLN A 111 6.98 13.53 1.59
N LEU A 112 6.78 12.24 1.82
CA LEU A 112 6.05 11.79 3.03
C LEU A 112 7.02 11.77 4.22
N THR A 113 6.61 12.33 5.36
CA THR A 113 7.52 12.44 6.50
C THR A 113 7.48 11.17 7.37
N ASP A 114 8.45 11.08 8.29
CA ASP A 114 8.50 9.99 9.25
C ASP A 114 7.20 9.92 10.07
N ASP A 115 6.57 11.07 10.26
CA ASP A 115 5.32 11.13 10.98
C ASP A 115 4.29 10.26 10.31
N PHE A 116 4.20 10.31 8.99
CA PHE A 116 3.25 9.49 8.22
C PHE A 116 3.42 7.98 8.47
N PHE A 117 4.68 7.56 8.44
CA PHE A 117 5.01 6.14 8.57
C PHE A 117 4.90 5.62 10.01
N ALA A 118 5.08 6.49 11.00
CA ALA A 118 4.86 6.13 12.42
C ALA A 118 3.35 5.90 12.77
N ASP A 119 2.42 6.49 12.02
CA ASP A 119 0.98 6.36 12.34
C ASP A 119 0.48 4.96 12.04
N GLU A 120 -0.05 4.30 13.04
CA GLU A 120 -0.59 2.93 12.89
C GLU A 120 -1.65 2.79 11.78
N LYS A 121 -2.34 3.88 11.43
CA LYS A 121 -3.42 3.81 10.43
C LYS A 121 -2.90 3.94 8.99
N SER A 122 -1.62 4.28 8.85
CA SER A 122 -1.01 4.47 7.52
C SER A 122 -0.77 3.20 6.73
N ILE A 123 -0.96 2.04 7.36
CA ILE A 123 -0.85 0.78 6.66
C ILE A 123 -2.14 0.45 5.91
N SER A 124 -3.13 1.31 6.01
CA SER A 124 -4.40 1.00 5.37
C SER A 124 -5.03 2.27 4.81
N GLU A 125 -6.19 2.10 4.19
CA GLU A 125 -6.90 3.20 3.59
C GLU A 125 -7.42 4.09 4.70
N ASN A 126 -6.84 5.28 4.80
CA ASN A 126 -7.25 6.24 5.79
C ASN A 126 -6.96 7.68 5.36
N TYR A 127 -5.69 8.07 5.27
CA TYR A 127 -5.32 9.43 4.98
C TYR A 127 -5.32 9.72 3.47
N VAL A 128 -5.71 10.93 3.12
CA VAL A 128 -5.88 11.37 1.76
C VAL A 128 -5.30 12.76 1.54
N ILE A 129 -4.54 12.94 0.45
CA ILE A 129 -4.00 14.26 0.09
C ILE A 129 -4.94 14.88 -0.89
N PRO A 130 -5.54 16.03 -0.54
CA PRO A 130 -6.58 16.58 -1.39
C PRO A 130 -6.24 17.91 -2.04
N LEU A 131 -6.26 17.92 -3.38
CA LEU A 131 -5.78 19.12 -4.11
C LEU A 131 -6.82 19.68 -5.05
N LEU A 132 -6.90 20.99 -5.09
CA LEU A 132 -7.78 21.74 -6.00
C LEU A 132 -6.92 22.74 -6.80
N MSE A 133 -7.04 22.70 -8.14
CA MSE A 133 -6.39 23.72 -8.99
C MSE A 133 -7.11 25.04 -8.81
O MSE A 133 -8.33 25.06 -8.75
CB MSE A 133 -6.47 23.31 -10.45
CG MSE A 133 -5.61 22.16 -10.82
SE MSE A 133 -6.02 21.63 -12.67
CE MSE A 133 -4.59 20.30 -12.74
N THR A 134 -6.37 26.15 -8.75
CA THR A 134 -6.97 27.45 -8.46
C THR A 134 -7.00 28.35 -9.70
N ASN A 135 -5.83 28.61 -10.26
CA ASN A 135 -5.74 29.33 -11.52
C ASN A 135 -4.61 28.75 -12.37
N VAL A 136 -4.57 29.14 -13.65
CA VAL A 136 -3.57 28.69 -14.62
C VAL A 136 -3.05 29.84 -15.49
N GLN A 137 -1.75 29.81 -15.70
CA GLN A 137 -1.07 30.82 -16.51
C GLN A 137 -0.45 30.07 -17.71
N GLY A 138 -0.69 30.59 -18.90
CA GLY A 138 -0.17 29.98 -20.13
C GLY A 138 -1.12 29.06 -20.89
N ALA A 139 -2.32 28.85 -20.34
CA ALA A 139 -3.39 28.10 -20.98
C ALA A 139 -4.68 28.84 -20.64
N ASP A 140 -5.74 28.62 -21.41
CA ASP A 140 -6.96 29.41 -21.22
C ASP A 140 -7.69 29.06 -19.93
N SER A 141 -7.78 27.78 -19.57
CA SER A 141 -8.56 27.40 -18.40
CA SER A 141 -8.55 27.40 -18.40
C SER A 141 -8.23 26.05 -17.77
N ILE A 142 -8.76 25.89 -16.57
CA ILE A 142 -8.74 24.70 -15.77
C ILE A 142 -10.08 23.99 -16.16
N LEU A 143 -10.10 22.66 -16.21
CA LEU A 143 -11.30 21.93 -16.59
C LEU A 143 -12.19 21.91 -15.35
N GLN A 144 -13.11 22.86 -15.27
CA GLN A 144 -13.95 23.04 -14.08
C GLN A 144 -15.29 22.34 -14.15
N GLY A 145 -15.63 21.81 -15.31
CA GLY A 145 -16.85 21.07 -15.48
C GLY A 145 -18.01 21.98 -15.82
N LYS A 146 -19.10 21.37 -16.24
CA LYS A 146 -20.27 22.14 -16.62
C LYS A 146 -21.38 21.64 -15.73
N PRO A 147 -21.84 22.51 -14.82
CA PRO A 147 -22.83 22.10 -13.85
C PRO A 147 -24.23 22.02 -14.45
N VAL A 148 -25.02 21.04 -14.02
CA VAL A 148 -26.42 20.89 -14.44
C VAL A 148 -27.37 21.39 -13.32
N VAL A 149 -26.79 22.01 -12.29
CA VAL A 149 -27.54 22.53 -11.13
C VAL A 149 -26.79 23.76 -10.57
N GLU A 150 -27.43 24.55 -9.71
CA GLU A 150 -26.71 25.62 -8.98
C GLU A 150 -26.19 24.96 -7.68
N ASN A 151 -25.21 25.59 -7.02
CA ASN A 151 -24.49 25.01 -5.86
C ASN A 151 -23.99 23.60 -6.14
N PRO A 152 -23.24 23.42 -7.26
CA PRO A 152 -22.81 22.06 -7.57
C PRO A 152 -21.66 21.65 -6.65
N VAL A 153 -21.58 20.35 -6.34
CA VAL A 153 -20.55 19.80 -5.47
C VAL A 153 -19.56 19.01 -6.33
N LEU A 154 -18.31 19.46 -6.36
CA LEU A 154 -17.28 18.86 -7.17
C LEU A 154 -17.30 17.36 -7.13
N THR A 155 -17.44 16.79 -5.95
CA THR A 155 -17.34 15.32 -5.80
C THR A 155 -18.63 14.54 -6.04
N ASN A 156 -19.67 15.19 -6.50
CA ASN A 156 -20.94 14.52 -6.80
C ASN A 156 -21.20 14.52 -8.31
N ALA A 157 -20.87 13.42 -8.97
CA ALA A 157 -20.97 13.32 -10.43
C ALA A 157 -22.33 13.79 -11.01
N GLY A 158 -23.43 13.46 -10.32
CA GLY A 158 -24.78 13.83 -10.78
C GLY A 158 -25.05 15.31 -10.96
N ASP A 159 -24.24 16.15 -10.33
CA ASP A 159 -24.41 17.60 -10.45
C ASP A 159 -23.85 18.18 -11.75
N TRP A 160 -23.32 17.35 -12.65
CA TRP A 160 -22.62 17.85 -13.82
C TRP A 160 -22.96 17.18 -15.14
N SER A 161 -22.90 17.95 -16.23
CA SER A 161 -23.10 17.43 -17.59
C SER A 161 -21.72 17.11 -18.14
N ILE A 162 -20.74 17.96 -17.86
CA ILE A 162 -19.35 17.65 -18.14
C ILE A 162 -18.68 17.62 -16.77
N LEU A 163 -18.04 16.50 -16.43
CA LEU A 163 -17.49 16.32 -15.11
C LEU A 163 -16.30 17.27 -14.87
N PRO A 164 -16.17 17.77 -13.63
CA PRO A 164 -15.06 18.61 -13.25
C PRO A 164 -13.81 17.76 -13.07
N GLN A 165 -12.69 18.25 -13.53
CA GLN A 165 -11.41 17.56 -13.44
C GLN A 165 -10.32 18.44 -12.88
N ASN A 166 -10.71 19.36 -11.99
CA ASN A 166 -9.80 20.32 -11.37
C ASN A 166 -9.33 19.94 -9.97
N PHE A 167 -9.69 18.74 -9.52
CA PHE A 167 -9.25 18.25 -8.21
C PHE A 167 -8.83 16.79 -8.28
N VAL A 168 -8.08 16.37 -7.27
CA VAL A 168 -7.67 14.97 -7.12
C VAL A 168 -7.57 14.62 -5.62
N LEU A 169 -8.02 13.42 -5.25
CA LEU A 169 -7.90 12.93 -3.88
C LEU A 169 -7.02 11.70 -3.94
N TYR A 170 -5.84 11.77 -3.30
CA TYR A 170 -4.94 10.61 -3.27
C TYR A 170 -4.87 10.00 -1.87
N ALA A 171 -5.56 8.87 -1.72
CA ALA A 171 -5.45 8.03 -0.57
C ALA A 171 -4.03 7.46 -0.62
N VAL A 172 -3.30 7.47 0.50
CA VAL A 172 -1.97 6.91 0.54
C VAL A 172 -1.84 5.91 1.68
N LYS A 173 -1.12 4.82 1.43
CA LYS A 173 -0.80 3.81 2.43
C LYS A 173 0.55 3.22 2.09
N TYR A 174 1.15 2.44 2.99
CA TYR A 174 2.48 1.84 2.74
C TYR A 174 2.56 0.35 3.10
N VAL A 175 3.55 -0.32 2.52
CA VAL A 175 3.90 -1.68 2.91
C VAL A 175 5.39 -1.69 3.26
N ASN A 176 5.81 -2.46 4.25
CA ASN A 176 7.26 -2.53 4.57
C ASN A 176 7.96 -3.54 3.65
N PRO A 177 9.29 -3.64 3.71
CA PRO A 177 10.02 -4.52 2.78
C PRO A 177 9.74 -6.01 2.80
N TRP A 178 9.12 -6.48 3.89
CA TRP A 178 8.92 -7.93 4.13
C TRP A 178 7.50 -8.35 3.83
N HIS A 179 6.64 -7.36 3.64
CA HIS A 179 5.31 -7.55 3.14
C HIS A 179 5.40 -8.33 1.81
N GLY A 180 4.53 -9.31 1.64
CA GLY A 180 4.51 -10.13 0.45
C GLY A 180 3.74 -11.42 0.61
N GLU A 181 3.63 -12.14 -0.51
CA GLU A 181 2.97 -13.45 -0.59
C GLU A 181 4.10 -14.49 -0.67
N TYR A 182 4.09 -15.46 0.24
CA TYR A 182 5.17 -16.45 0.36
C TYR A 182 4.66 -17.89 0.31
N LEU A 183 5.55 -18.79 -0.08
CA LEU A 183 5.28 -20.24 -0.06
C LEU A 183 5.99 -20.83 1.16
N ARG A 184 5.24 -21.45 2.07
CA ARG A 184 5.83 -21.90 3.36
C ARG A 184 5.95 -23.41 3.47
N ARG A 185 7.15 -23.82 3.88
CA ARG A 185 7.43 -25.22 4.19
C ARG A 185 8.22 -25.29 5.51
N GLY A 186 8.08 -26.38 6.25
CA GLY A 186 8.81 -26.54 7.49
C GLY A 186 8.39 -27.76 8.27
N ILE A 187 8.85 -27.84 9.52
CA ILE A 187 8.55 -28.95 10.41
C ILE A 187 8.08 -28.45 11.77
N ASP A 188 6.92 -28.94 12.22
CA ASP A 188 6.41 -28.67 13.56
C ASP A 188 6.67 -29.90 14.44
N HIS A 189 7.38 -29.72 15.56
CA HIS A 189 7.39 -30.76 16.63
C HIS A 189 6.22 -30.37 17.53
N ALA A 190 5.11 -31.07 17.40
CA ALA A 190 3.85 -30.75 18.09
C ALA A 190 3.52 -31.60 19.31
N THR A 191 2.84 -31.00 20.27
CA THR A 191 2.22 -31.70 21.37
C THR A 191 0.76 -31.22 21.36
N VAL A 192 -0.16 -32.10 21.01
CA VAL A 192 -1.54 -31.73 20.91
C VAL A 192 -2.27 -32.45 22.01
N ALA A 193 -2.74 -31.68 22.99
CA ALA A 193 -3.46 -32.22 24.13
C ALA A 193 -2.72 -33.39 24.78
N GLY A 194 -1.39 -33.28 24.88
CA GLY A 194 -0.56 -34.32 25.54
C GLY A 194 0.04 -35.34 24.59
N THR A 195 -0.37 -35.33 23.33
CA THR A 195 0.09 -36.29 22.35
C THR A 195 1.06 -35.67 21.38
N SER A 196 2.28 -36.22 21.32
CA SER A 196 3.38 -35.67 20.55
C SER A 196 3.53 -36.31 19.20
N LYS A 197 3.84 -35.49 18.20
CA LYS A 197 3.98 -35.93 16.81
C LYS A 197 4.77 -34.91 16.04
N ASP A 198 5.33 -35.31 14.90
CA ASP A 198 5.97 -34.36 13.96
C ASP A 198 5.00 -34.10 12.79
N ILE A 199 4.83 -32.83 12.42
CA ILE A 199 4.02 -32.41 11.27
C ILE A 199 5.02 -31.89 10.23
N ILE A 200 5.06 -32.58 9.08
CA ILE A 200 5.93 -32.24 7.95
C ILE A 200 5.04 -31.50 6.96
N ARG A 201 5.42 -30.26 6.63
CA ARG A 201 4.68 -29.43 5.67
C ARG A 201 5.65 -29.19 4.53
N HIS A 202 5.58 -30.05 3.51
CA HIS A 202 6.56 -30.07 2.42
C HIS A 202 5.92 -30.71 1.20
N GLU A 203 5.90 -29.97 0.09
CA GLU A 203 5.41 -30.52 -1.16
C GLU A 203 6.63 -30.73 -2.04
N GLN A 204 6.56 -31.74 -2.92
CA GLN A 204 7.69 -32.09 -3.79
C GLN A 204 8.25 -30.90 -4.59
N PHE A 205 7.36 -30.05 -5.12
CA PHE A 205 7.78 -28.83 -5.82
C PHE A 205 7.46 -27.57 -5.01
N VAL A 206 8.47 -26.71 -4.80
CA VAL A 206 8.32 -25.42 -4.08
C VAL A 206 7.02 -24.70 -4.50
N GLU A 207 6.65 -24.80 -5.77
CA GLU A 207 5.43 -24.20 -6.34
C GLU A 207 4.11 -24.60 -5.64
N ASN A 208 4.04 -25.81 -5.11
CA ASN A 208 2.79 -26.28 -4.50
C ASN A 208 2.75 -26.08 -2.97
N ASP A 209 3.75 -25.42 -2.39
CA ASP A 209 3.79 -25.21 -0.92
C ASP A 209 2.67 -24.27 -0.49
N GLU A 210 2.32 -24.33 0.79
CA GLU A 210 1.23 -23.53 1.34
C GLU A 210 1.47 -22.03 1.11
N VAL A 211 0.45 -21.37 0.55
CA VAL A 211 0.51 -19.94 0.29
C VAL A 211 0.07 -19.18 1.52
N VAL A 212 0.92 -18.24 1.94
CA VAL A 212 0.66 -17.37 3.10
C VAL A 212 1.02 -15.91 2.84
N ASN A 213 0.26 -15.02 3.46
CA ASN A 213 0.42 -13.57 3.36
C ASN A 213 1.06 -12.98 4.59
N ILE A 214 2.18 -12.29 4.39
CA ILE A 214 2.84 -11.54 5.43
C ILE A 214 2.47 -10.08 5.16
N SER A 215 1.63 -9.51 6.03
CA SER A 215 1.13 -8.14 5.91
C SER A 215 1.93 -7.18 6.79
N THR A 216 1.77 -5.89 6.56
CA THR A 216 2.48 -4.84 7.32
C THR A 216 1.67 -4.36 8.52
N LYS A 217 2.34 -4.28 9.67
CA LYS A 217 1.76 -3.72 10.88
C LYS A 217 2.44 -2.37 11.18
N SER A 218 3.72 -2.25 10.87
CA SER A 218 4.47 -1.00 11.12
C SER A 218 5.73 -0.98 10.25
N MSE A 219 6.61 0.00 10.42
CA MSE A 219 7.88 0.02 9.68
C MSE A 219 8.74 -1.21 9.95
O MSE A 219 9.42 -1.68 9.04
CB MSE A 219 8.72 1.27 9.94
CG MSE A 219 8.13 2.52 9.27
SE MSE A 219 8.14 2.48 7.29
CE MSE A 219 9.87 3.48 7.26
N LYS A 220 8.70 -1.73 11.18
CA LYS A 220 9.45 -2.95 11.56
C LYS A 220 8.62 -4.24 11.67
N ASP A 221 7.31 -4.15 11.86
CA ASP A 221 6.58 -5.36 12.14
C ASP A 221 5.68 -5.85 11.04
N ASN A 222 5.50 -7.17 11.01
CA ASN A 222 4.60 -7.83 10.09
C ASN A 222 3.76 -8.86 10.80
N LEU A 223 2.68 -9.27 10.16
CA LEU A 223 1.74 -10.23 10.70
C LEU A 223 1.57 -11.41 9.73
N LEU A 224 1.46 -12.62 10.26
CA LEU A 224 1.38 -13.83 9.45
C LEU A 224 0.39 -14.72 10.15
N THR A 225 -0.74 -14.97 9.50
CA THR A 225 -1.80 -15.85 10.04
C THR A 225 -1.65 -17.29 9.57
N LEU A 226 -1.72 -18.23 10.52
CA LEU A 226 -1.50 -19.64 10.24
C LEU A 226 -2.63 -20.44 10.88
N LYS A 227 -2.59 -21.74 10.66
CA LYS A 227 -3.55 -22.66 11.27
C LYS A 227 -2.86 -23.99 11.63
N THR A 228 -3.36 -24.67 12.65
CA THR A 228 -2.86 -26.00 12.99
C THR A 228 -4.04 -26.77 13.58
N LYS A 229 -3.93 -28.09 13.55
CA LYS A 229 -5.04 -28.95 13.89
C LYS A 229 -5.07 -29.26 15.38
N ASP A 230 -6.27 -29.34 15.95
CA ASP A 230 -6.41 -29.76 17.34
C ASP A 230 -6.62 -31.29 17.41
N GLU A 231 -6.87 -31.79 18.62
CA GLU A 231 -7.05 -33.22 18.81
C GLU A 231 -8.25 -33.81 18.05
N SER A 232 -9.20 -32.96 17.62
CA SER A 232 -10.37 -33.41 16.87
C SER A 232 -10.21 -33.34 15.36
N GLY A 233 -9.11 -32.78 14.88
CA GLY A 233 -8.88 -32.60 13.45
C GLY A 233 -9.29 -31.21 12.95
N LYS A 234 -9.97 -30.45 13.80
CA LYS A 234 -10.42 -29.09 13.47
C LYS A 234 -9.24 -28.10 13.34
N ASP A 235 -9.36 -27.15 12.40
CA ASP A 235 -8.32 -26.14 12.17
C ASP A 235 -8.41 -24.97 13.16
N ILE A 236 -7.30 -24.66 13.83
CA ILE A 236 -7.24 -23.56 14.80
C ILE A 236 -6.34 -22.46 14.23
N SER A 237 -6.90 -21.24 14.07
CA SER A 237 -6.17 -20.11 13.51
C SER A 237 -5.47 -19.33 14.58
N TYR A 238 -4.34 -18.73 14.20
CA TYR A 238 -3.56 -17.93 15.10
C TYR A 238 -2.63 -17.05 14.28
N THR A 239 -2.19 -15.90 14.84
CA THR A 239 -1.34 -14.94 14.13
C THR A 239 -0.04 -14.70 14.89
N VAL A 240 1.05 -14.72 14.15
CA VAL A 240 2.39 -14.47 14.64
C VAL A 240 2.78 -13.08 14.15
N ARG A 241 3.55 -12.36 14.96
CA ARG A 241 4.07 -11.05 14.63
C ARG A 241 5.58 -11.14 14.53
N LEU A 242 6.13 -10.75 13.38
CA LEU A 242 7.56 -10.68 13.17
C LEU A 242 7.97 -9.24 13.33
N SER A 243 9.10 -9.00 14.01
CA SER A 243 9.65 -7.68 14.22
C SER A 243 11.11 -7.65 13.78
N PHE A 244 11.39 -6.81 12.77
CA PHE A 244 12.67 -6.78 12.07
C PHE A 244 13.64 -5.69 12.49
N ALA A 245 14.93 -6.04 12.46
CA ALA A 245 16.01 -5.16 12.87
C ALA A 245 16.78 -4.73 11.63
N GLU A 246 17.65 -3.74 11.81
CA GLU A 246 18.41 -3.16 10.69
C GLU A 246 19.14 -4.24 9.87
N ASP A 247 19.79 -5.17 10.59
CA ASP A 247 20.56 -6.24 9.97
C ASP A 247 19.81 -7.35 9.20
N GLY A 248 18.49 -7.34 9.17
CA GLY A 248 17.71 -8.42 8.53
C GLY A 248 17.17 -9.51 9.46
N SER A 249 17.65 -9.59 10.70
CA SER A 249 17.09 -10.56 11.65
C SER A 249 15.72 -10.12 12.19
N CYS A 250 14.97 -11.07 12.74
CA CYS A 250 13.70 -10.73 13.40
C CYS A 250 13.52 -11.54 14.67
N THR A 251 12.66 -11.01 15.52
CA THR A 251 12.20 -11.71 16.68
C THR A 251 10.74 -12.05 16.34
N VAL A 252 10.18 -13.09 16.97
CA VAL A 252 8.84 -13.57 16.67
C VAL A 252 7.99 -13.43 17.93
N HIS A 253 6.77 -12.93 17.78
CA HIS A 253 5.92 -12.59 18.91
C HIS A 253 4.47 -12.97 18.60
N SER A 254 3.57 -12.80 19.57
CA SER A 254 2.17 -13.08 19.33
C SER A 254 1.47 -11.95 18.60
N GLY A 255 0.52 -12.31 17.75
CA GLY A 255 -0.33 -11.34 17.07
C GLY A 255 -1.79 -11.73 17.19
N SER A 256 -2.12 -12.48 18.22
CA SER A 256 -3.43 -13.05 18.34
C SER A 256 -3.62 -13.32 19.85
N GLN A 257 -4.78 -12.96 20.41
CA GLN A 257 -5.02 -13.11 21.86
C GLN A 257 -4.98 -14.50 22.36
N ASN A 258 -5.20 -15.43 21.45
CA ASN A 258 -5.26 -16.85 21.74
C ASN A 258 -3.90 -17.58 21.70
N VAL A 259 -2.78 -16.88 21.53
CA VAL A 259 -1.47 -17.54 21.41
C VAL A 259 -0.32 -16.79 22.10
N VAL A 260 0.54 -17.53 22.79
CA VAL A 260 1.78 -17.01 23.38
C VAL A 260 2.85 -17.54 22.45
N VAL A 261 3.82 -16.70 22.13
CA VAL A 261 4.80 -17.03 21.11
C VAL A 261 6.19 -16.44 21.43
N SER A 262 7.25 -17.17 21.07
CA SER A 262 8.60 -16.61 21.08
C SER A 262 9.42 -17.22 19.95
N GLY A 263 10.59 -16.64 19.68
CA GLY A 263 11.46 -17.13 18.64
C GLY A 263 12.26 -16.04 17.92
N SER A 264 12.99 -16.50 16.89
CA SER A 264 13.91 -15.70 16.09
CA SER A 264 13.84 -15.64 16.08
C SER A 264 13.82 -16.06 14.61
N GLY A 265 14.40 -15.22 13.76
CA GLY A 265 14.38 -15.52 12.33
C GLY A 265 15.28 -14.59 11.57
N LYS A 266 15.19 -14.66 10.24
CA LYS A 266 15.87 -13.73 9.36
C LYS A 266 15.31 -13.69 7.94
N PHE A 267 15.46 -12.52 7.33
CA PHE A 267 15.15 -12.31 5.92
C PHE A 267 16.49 -12.37 5.21
N VAL A 268 16.55 -13.14 4.14
CA VAL A 268 17.77 -13.24 3.35
C VAL A 268 17.41 -13.00 1.90
N SER A 269 17.94 -11.93 1.30
CA SER A 269 17.64 -11.67 -0.10
C SER A 269 18.45 -12.69 -0.87
N LYS A 270 17.77 -13.48 -1.71
CA LYS A 270 18.40 -14.51 -2.53
C LYS A 270 18.96 -15.65 -1.70
N GLY A 271 18.27 -15.98 -0.62
CA GLY A 271 18.70 -17.08 0.25
C GLY A 271 18.42 -18.46 -0.34
N GLU A 272 17.40 -18.55 -1.20
CA GLU A 272 17.00 -19.79 -1.85
C GLU A 272 17.51 -19.82 -3.28
N LYS A 273 18.45 -20.72 -3.56
CA LYS A 273 19.07 -20.82 -4.89
C LYS A 273 18.29 -21.80 -5.78
N ASN A 274 18.12 -21.46 -7.06
CA ASN A 274 17.37 -22.32 -8.02
C ASN A 274 16.04 -22.81 -7.39
N SER A 275 15.33 -21.84 -6.80
CA SER A 275 14.05 -22.09 -6.11
C SER A 275 12.87 -21.98 -7.09
N LEU A 276 11.81 -21.24 -6.71
CA LEU A 276 10.64 -21.06 -7.57
C LEU A 276 11.02 -20.56 -8.98
N GLY A 277 10.50 -21.25 -10.00
CA GLY A 277 10.75 -20.92 -11.39
C GLY A 277 12.22 -20.90 -11.81
N GLY A 278 13.07 -21.67 -11.13
CA GLY A 278 14.52 -21.72 -11.44
C GLY A 278 15.35 -20.48 -11.09
N LYS A 279 14.69 -19.38 -10.71
CA LYS A 279 15.34 -18.13 -10.31
C LYS A 279 15.64 -18.20 -8.81
N ASP A 280 16.74 -17.56 -8.39
CA ASP A 280 17.08 -17.39 -6.96
C ASP A 280 16.01 -16.51 -6.24
N ARG A 281 15.62 -16.88 -5.03
CA ARG A 281 14.51 -16.16 -4.38
C ARG A 281 14.76 -15.66 -2.98
N ASN A 282 14.10 -14.55 -2.68
CA ASN A 282 14.08 -13.95 -1.35
C ASN A 282 13.29 -14.85 -0.40
N ALA A 283 13.80 -15.01 0.80
CA ALA A 283 13.19 -15.90 1.77
C ALA A 283 13.34 -15.43 3.22
N ILE A 284 12.37 -15.84 4.03
CA ILE A 284 12.36 -15.64 5.47
C ILE A 284 12.47 -17.03 6.11
N TYR A 285 13.39 -17.15 7.06
CA TYR A 285 13.62 -18.39 7.83
C TYR A 285 13.26 -18.16 9.32
N LEU A 286 12.36 -18.98 9.86
CA LEU A 286 11.89 -18.82 11.25
C LEU A 286 12.13 -20.07 12.12
N ASP A 287 12.55 -19.83 13.36
CA ASP A 287 12.74 -20.87 14.39
C ASP A 287 12.00 -20.41 15.66
N TYR A 288 10.80 -20.97 15.88
CA TYR A 288 9.92 -20.40 16.91
C TYR A 288 8.98 -21.39 17.66
N THR A 289 8.45 -20.94 18.79
CA THR A 289 7.63 -21.73 19.64
C THR A 289 6.28 -21.07 19.79
N VAL A 290 5.20 -21.84 19.72
CA VAL A 290 3.84 -21.33 19.80
C VAL A 290 3.03 -22.12 20.85
N ASN A 291 2.41 -21.43 21.80
CA ASN A 291 1.56 -22.09 22.78
C ASN A 291 0.14 -21.60 22.61
N LEU A 292 -0.76 -22.45 22.12
CA LEU A 292 -2.15 -22.09 21.95
C LEU A 292 -2.78 -22.49 23.26
N THR A 293 -2.73 -21.58 24.22
CA THR A 293 -3.09 -21.88 25.60
C THR A 293 -4.53 -22.36 25.79
N ASP A 294 -5.46 -21.83 25.01
CA ASP A 294 -6.88 -22.24 25.16
C ASP A 294 -7.16 -23.62 24.57
N ASN A 295 -6.34 -24.08 23.62
CA ASN A 295 -6.53 -25.37 22.94
C ASN A 295 -5.56 -26.49 23.36
N ASN A 296 -4.64 -26.15 24.25
CA ASN A 296 -3.59 -27.03 24.71
C ASN A 296 -2.73 -27.63 23.57
N ILE A 297 -2.17 -26.77 22.72
CA ILE A 297 -1.28 -27.20 21.66
C ILE A 297 -0.01 -26.39 21.77
N GLN A 298 1.14 -27.06 21.77
CA GLN A 298 2.40 -26.37 21.76
C GLN A 298 3.14 -26.88 20.52
N LEU A 299 3.72 -25.98 19.76
CA LEU A 299 4.50 -26.30 18.57
C LEU A 299 5.91 -25.71 18.65
N ALA A 300 6.95 -26.52 18.38
CA ALA A 300 8.30 -25.98 18.11
C ALA A 300 8.44 -26.08 16.59
N THR A 301 8.41 -24.94 15.91
CA THR A 301 8.39 -24.90 14.42
C THR A 301 9.65 -24.32 13.80
N LYS A 302 10.08 -24.90 12.69
CA LYS A 302 11.16 -24.35 11.83
C LYS A 302 10.54 -24.18 10.46
N ASP A 303 10.46 -22.94 9.99
CA ASP A 303 9.81 -22.61 8.71
C ASP A 303 10.74 -21.94 7.70
N THR A 304 10.51 -22.26 6.44
CA THR A 304 11.12 -21.57 5.34
C THR A 304 9.99 -20.94 4.54
N LEU A 305 10.06 -19.62 4.36
CA LEU A 305 9.09 -18.87 3.58
C LEU A 305 9.74 -18.31 2.32
N VAL A 306 9.35 -18.82 1.15
CA VAL A 306 9.90 -18.37 -0.13
C VAL A 306 9.02 -17.25 -0.70
N LEU A 307 9.61 -16.11 -1.08
CA LEU A 307 8.82 -15.01 -1.73
C LEU A 307 8.29 -15.37 -3.14
N ARG A 308 6.97 -15.45 -3.29
CA ARG A 308 6.35 -15.67 -4.61
C ARG A 308 6.24 -14.32 -5.34
N THR A 309 5.67 -13.33 -4.65
CA THR A 309 5.49 -11.97 -5.17
C THR A 309 5.19 -10.97 -4.05
N ARG A 310 5.62 -9.72 -4.21
CA ARG A 310 5.28 -8.67 -3.25
C ARG A 310 3.79 -8.46 -3.20
N ASN A 311 3.06 -8.76 -4.26
CA ASN A 311 1.59 -8.65 -4.30
C ASN A 311 1.05 -7.24 -4.02
N VAL A 312 1.83 -6.22 -4.38
CA VAL A 312 1.43 -4.83 -4.24
C VAL A 312 1.20 -4.14 -5.60
N TYR A 313 0.12 -3.36 -5.68
CA TYR A 313 -0.14 -2.50 -6.83
CA TYR A 313 -0.16 -2.49 -6.83
C TYR A 313 0.09 -1.06 -6.41
N GLY A 314 1.23 -0.51 -6.82
CA GLY A 314 1.64 0.84 -6.46
C GLY A 314 0.59 1.92 -6.67
N GLY A 315 -0.08 1.91 -7.83
CA GLY A 315 -1.11 2.89 -8.16
C GLY A 315 -2.35 2.26 -8.77
N LYS A 316 -3.51 2.48 -8.15
CA LYS A 316 -4.81 2.01 -8.62
C LYS A 316 -5.75 3.19 -8.51
N SER A 317 -6.89 3.09 -9.16
CA SER A 317 -8.00 4.00 -8.93
C SER A 317 -8.66 3.62 -7.61
N LEU A 318 -9.35 4.58 -6.98
CA LEU A 318 -9.87 4.43 -5.63
C LEU A 318 -11.38 4.46 -5.75
N GLU A 319 -12.04 3.48 -5.16
CA GLU A 319 -13.50 3.48 -5.18
C GLU A 319 -14.00 4.14 -3.89
N VAL A 320 -14.77 5.21 -4.04
CA VAL A 320 -15.32 5.94 -2.91
C VAL A 320 -16.85 6.02 -2.99
N VAL A 321 -17.52 6.17 -1.85
CA VAL A 321 -18.98 6.30 -1.81
C VAL A 321 -19.35 7.50 -0.98
N ARG A 322 -20.44 8.11 -1.42
CA ARG A 322 -20.90 9.37 -0.92
C ARG A 322 -22.17 9.21 -0.06
N LYS A 323 -22.06 8.52 1.08
CA LYS A 323 -23.16 8.45 2.06
C LYS A 323 -23.48 9.85 2.58
CA CA B . -6.38 30.79 -26.74
O1 2PE C . 2.51 5.58 -12.85
C2 2PE C . 2.89 5.26 -14.18
C3 2PE C . 3.48 6.51 -14.79
O4 2PE C . 2.45 7.38 -15.24
C5 2PE C . 2.40 7.51 -16.67
C6 2PE C . 3.54 8.41 -17.13
O7 2PE C . 3.05 9.28 -18.14
C8 2PE C . 3.14 10.69 -17.92
C9 2PE C . 4.55 11.22 -17.89
O10 2PE C . 4.78 11.87 -16.63
C11 2PE C . 5.42 13.13 -16.82
C12 2PE C . 5.88 13.69 -15.49
O13 2PE C . 6.83 12.80 -14.91
C14 2PE C . 7.25 13.24 -13.61
C15 2PE C . 8.03 12.15 -12.90
O16 2PE C . 7.30 10.91 -12.92
C17 2PE C . 7.70 9.92 -11.98
C18 2PE C . 6.52 8.99 -11.66
O19 2PE C . 6.01 8.38 -12.84
C20 2PE C . 6.67 7.18 -13.22
C21 2PE C . 6.71 7.08 -14.74
O22 2PE C . 7.92 7.65 -15.26
C23 2PE C . 7.74 8.34 -16.50
C24 2PE C . 7.76 9.84 -16.23
O25 2PE C . 8.70 10.47 -17.08
O1 2PE D . -13.73 13.33 -21.67
C2 2PE D . -12.49 13.25 -20.96
C3 2PE D . -11.91 14.64 -21.06
O4 2PE D . -10.54 14.58 -20.75
C5 2PE D . -9.94 15.86 -20.86
C6 2PE D . -9.70 16.18 -22.33
O7 2PE D . -9.13 17.48 -22.42
C8 2PE D . -9.76 18.27 -23.44
C9 2PE D . -11.19 18.64 -23.06
O10 2PE D . -11.37 20.03 -23.33
O1 2PE E . 22.79 -15.49 7.28
C2 2PE E . 22.14 -15.79 6.02
C3 2PE E . 22.36 -17.22 5.49
O4 2PE E . 21.56 -18.24 6.13
C5 2PE E . 20.74 -19.06 5.25
C6 2PE E . 20.18 -20.34 5.92
O7 2PE E . 19.75 -20.15 7.29
C8 2PE E . 18.78 -21.10 7.76
C9 2PE E . 18.66 -21.21 9.29
O10 2PE E . 18.31 -19.97 9.95
C11 2PE E . 17.36 -20.00 11.03
C12 2PE E . 17.15 -18.58 11.61
O13 2PE E . 17.25 -18.49 13.05
C14 2PE E . 17.80 -17.25 13.53
#